data_4N3Z
#
_entry.id   4N3Z
#
_cell.length_a   87.140
_cell.length_b   87.140
_cell.length_c   168.878
_cell.angle_alpha   90.00
_cell.angle_beta   90.00
_cell.angle_gamma   120.00
#
_symmetry.space_group_name_H-M   'P 31 2 1'
#
loop_
_entity.id
_entity.type
_entity.pdbx_description
1 polymer 'Rab5 GDP/GTP exchange factor'
2 polymer 'Rab GTPase-binding effector protein 1'
3 non-polymer 'PHOSPHATE ION'
#
loop_
_entity_poly.entity_id
_entity_poly.type
_entity_poly.pdbx_seq_one_letter_code
_entity_poly.pdbx_strand_id
1 'polypeptide(L)'
;MGHHHHHHSIETDRVSKEFIEFLKTFHKTGQEIYKQTKLFLEGMHYKRDLSIEEQSECAQDFYHNVAERMQTRGKVPPER
VEKIMDQIEKYIMTRLYKYVFCPETTDDEKKDLAIQKRIRALRWVTPQMLCVPVNEDIPEVSDMVVKAITDIIEMDSKRV
PRDKLACITKCSKHIFNAIKITKNEPASADDFLPTLIYIVLKGNPPRLQSNIQYITRFCNPSRLMTGEDGYYFTNLCCAV
AFIEKLDAQSLNLSQEDFDRYMSQMYKNLDLLSQLNERQERIMNEAKKLEKDLIDWTDGIAREVQDIVEK
;
A
2 'polypeptide(L)'
;METRDQVKKLQLMLRQANDQLEKTMKDKQELEDFIKQSSEDSSHQISALVLRAQASEILLEELQQGLSQAKRDVQEQMAV
LMQSREQVSEEL
;
B,C
#
loop_
_chem_comp.id
_chem_comp.type
_chem_comp.name
_chem_comp.formula
PO4 non-polymer 'PHOSPHATE ION' 'O4 P -3'
#
# COMPACT_ATOMS: atom_id res chain seq x y z
N GLU A 18 5.17 -28.22 -17.59
CA GLU A 18 5.14 -28.05 -16.12
C GLU A 18 3.88 -27.31 -15.67
N PHE A 19 3.52 -26.27 -16.43
CA PHE A 19 2.30 -25.50 -16.18
C PHE A 19 1.07 -26.33 -16.49
N ILE A 20 1.20 -27.22 -17.47
CA ILE A 20 0.11 -28.11 -17.86
C ILE A 20 -0.13 -29.18 -16.80
N GLU A 21 0.96 -29.74 -16.26
CA GLU A 21 0.89 -30.74 -15.20
C GLU A 21 0.36 -30.14 -13.90
N PHE A 22 0.66 -28.86 -13.69
CA PHE A 22 0.20 -28.14 -12.51
C PHE A 22 -1.29 -27.80 -12.60
N LEU A 23 -1.72 -27.37 -13.79
CA LEU A 23 -3.11 -27.02 -14.03
C LEU A 23 -4.01 -28.26 -13.97
N LYS A 24 -3.53 -29.36 -14.54
CA LYS A 24 -4.26 -30.62 -14.56
C LYS A 24 -4.57 -31.11 -13.14
N THR A 25 -3.53 -31.47 -12.40
CA THR A 25 -3.69 -31.99 -11.04
C THR A 25 -4.23 -30.95 -10.08
N HIS A 27 -7.98 -27.44 -10.24
CA HIS A 27 -8.94 -28.40 -10.78
C HIS A 27 -9.00 -28.33 -12.29
N LYS A 28 -10.04 -28.96 -12.86
CA LYS A 28 -10.23 -28.96 -14.31
C LYS A 28 -10.71 -27.59 -14.82
N THR A 29 -11.09 -26.72 -13.88
CA THR A 29 -11.40 -25.33 -14.20
C THR A 29 -10.12 -24.55 -14.45
N GLY A 30 -9.03 -25.01 -13.84
CA GLY A 30 -7.69 -24.52 -14.13
C GLY A 30 -7.27 -24.97 -15.51
N GLN A 31 -7.79 -26.14 -15.92
CA GLN A 31 -7.58 -26.65 -17.28
C GLN A 31 -8.48 -25.90 -18.26
N GLU A 32 -9.54 -25.29 -17.75
CA GLU A 32 -10.38 -24.41 -18.55
C GLU A 32 -9.66 -23.09 -18.77
N ILE A 33 -8.79 -22.73 -17.82
CA ILE A 33 -7.89 -21.60 -17.98
C ILE A 33 -6.74 -21.94 -18.93
N TYR A 34 -6.41 -23.24 -18.99
CA TYR A 34 -5.43 -23.75 -19.95
C TYR A 34 -5.99 -23.71 -21.36
N LYS A 35 -7.30 -23.94 -21.47
CA LYS A 35 -8.01 -23.86 -22.74
C LYS A 35 -8.27 -22.40 -23.10
N GLN A 36 -8.32 -21.54 -22.08
CA GLN A 36 -8.54 -20.11 -22.27
C GLN A 36 -7.30 -19.42 -22.82
N THR A 37 -6.13 -19.88 -22.37
CA THR A 37 -4.83 -19.33 -22.79
C THR A 37 -4.72 -17.82 -22.60
N PHE A 40 -7.17 -14.77 -24.06
CA PHE A 40 -6.43 -13.53 -23.79
C PHE A 40 -5.16 -13.44 -24.62
N LEU A 41 -4.69 -14.58 -25.11
CA LEU A 41 -3.48 -14.65 -25.94
C LEU A 41 -3.72 -14.06 -27.32
N GLU A 42 -4.84 -14.41 -27.93
CA GLU A 42 -5.22 -13.86 -29.23
C GLU A 42 -5.56 -12.38 -29.12
N GLY A 43 -6.19 -12.01 -28.00
CA GLY A 43 -6.48 -10.62 -27.70
C GLY A 43 -5.21 -9.82 -27.47
N MET A 44 -4.19 -10.49 -26.93
CA MET A 44 -2.87 -9.87 -26.74
C MET A 44 -2.21 -9.65 -28.09
N HIS A 45 -2.35 -10.62 -28.98
CA HIS A 45 -1.82 -10.51 -30.34
C HIS A 45 -2.46 -9.36 -31.07
N TYR A 46 -3.70 -9.06 -30.70
CA TYR A 46 -4.46 -7.97 -31.32
C TYR A 46 -4.07 -6.59 -30.76
N LYS A 47 -4.30 -6.40 -29.46
CA LYS A 47 -4.18 -5.08 -28.85
C LYS A 47 -2.75 -4.60 -28.61
N ARG A 48 -1.81 -5.53 -28.46
CA ARG A 48 -0.43 -5.18 -28.12
C ARG A 48 0.42 -4.80 -29.35
N ASP A 49 -0.19 -4.84 -30.52
CA ASP A 49 0.50 -4.49 -31.76
C ASP A 49 0.53 -2.98 -32.02
N LEU A 50 -0.14 -2.22 -31.15
CA LEU A 50 -0.20 -0.77 -31.27
C LEU A 50 0.30 -0.06 -30.02
N ILE A 52 1.38 0.01 -26.00
CA ILE A 52 1.98 -0.81 -24.95
C ILE A 52 1.13 -0.86 -23.69
N GLU A 53 0.54 0.28 -23.34
CA GLU A 53 -0.26 0.40 -22.11
C GLU A 53 -1.56 -0.41 -22.15
N GLU A 54 -1.90 -0.94 -23.32
CA GLU A 54 -3.11 -1.75 -23.49
C GLU A 54 -2.96 -3.14 -22.90
N GLN A 55 -1.82 -3.77 -23.16
CA GLN A 55 -1.55 -5.12 -22.68
C GLN A 55 -1.40 -5.19 -21.16
N SER A 56 -0.99 -4.07 -20.57
CA SER A 56 -0.88 -3.97 -19.11
C SER A 56 -2.26 -4.05 -18.44
N GLU A 57 -3.19 -3.25 -18.96
CA GLU A 57 -4.56 -3.22 -18.43
C GLU A 57 -5.31 -4.51 -18.73
N CYS A 58 -4.98 -5.16 -19.85
CA CYS A 58 -5.62 -6.40 -20.25
C CYS A 58 -5.18 -7.55 -19.33
N ALA A 59 -3.89 -7.60 -19.04
CA ALA A 59 -3.33 -8.62 -18.18
C ALA A 59 -3.83 -8.43 -16.74
N GLN A 60 -3.87 -7.17 -16.30
CA GLN A 60 -4.38 -6.84 -14.98
C GLN A 60 -5.86 -7.16 -14.85
N ASP A 61 -6.60 -6.98 -15.94
CA ASP A 61 -8.02 -7.33 -15.97
C ASP A 61 -8.19 -8.84 -15.94
N PHE A 62 -7.32 -9.55 -16.65
CA PHE A 62 -7.33 -11.01 -16.66
C PHE A 62 -7.06 -11.57 -15.27
N TYR A 63 -6.14 -10.92 -14.56
CA TYR A 63 -5.80 -11.31 -13.19
C TYR A 63 -6.88 -10.92 -12.18
N HIS A 64 -7.58 -9.83 -12.45
CA HIS A 64 -8.66 -9.35 -11.58
C HIS A 64 -9.88 -10.21 -11.68
N ASN A 65 -10.11 -10.76 -12.88
CA ASN A 65 -11.27 -11.60 -13.14
C ASN A 65 -11.19 -12.96 -12.42
N VAL A 66 -9.99 -13.54 -12.40
CA VAL A 66 -9.75 -14.80 -11.71
C VAL A 66 -9.62 -14.60 -10.21
N GLU A 82 -4.41 -21.49 -5.71
CA GLU A 82 -4.43 -20.09 -6.15
C GLU A 82 -3.05 -19.64 -6.65
N LYS A 83 -2.05 -20.49 -6.45
CA LYS A 83 -0.70 -20.23 -6.95
C LYS A 83 -0.65 -20.33 -8.48
N ILE A 84 -1.77 -20.75 -9.07
CA ILE A 84 -1.93 -20.84 -10.52
C ILE A 84 -1.80 -19.47 -11.20
N MET A 85 -2.00 -18.41 -10.42
CA MET A 85 -1.76 -17.04 -10.89
C MET A 85 -0.28 -16.82 -11.18
N ASP A 86 0.57 -17.38 -10.32
CA ASP A 86 2.02 -17.32 -10.51
C ASP A 86 2.45 -18.26 -11.63
N GLN A 87 1.68 -19.32 -11.84
CA GLN A 87 1.95 -20.27 -12.92
C GLN A 87 1.51 -19.71 -14.26
N ILE A 88 0.37 -19.01 -14.27
CA ILE A 88 -0.13 -18.33 -15.47
C ILE A 88 0.82 -17.19 -15.82
N GLU A 89 1.37 -16.54 -14.79
CA GLU A 89 2.38 -15.52 -14.98
C GLU A 89 3.67 -16.15 -15.50
N LYS A 90 4.00 -17.34 -14.98
CA LYS A 90 5.18 -18.08 -15.42
C LYS A 90 5.12 -18.46 -16.89
N TYR A 91 3.91 -18.77 -17.36
CA TYR A 91 3.68 -19.12 -18.76
C TYR A 91 3.67 -17.88 -19.65
N ILE A 92 2.75 -16.96 -19.35
CA ILE A 92 2.55 -15.76 -20.15
C ILE A 92 3.80 -14.88 -20.27
N MET A 93 4.63 -14.88 -19.24
CA MET A 93 5.89 -14.13 -19.28
C MET A 93 6.94 -14.83 -20.14
N THR A 94 6.98 -16.16 -20.05
CA THR A 94 7.90 -16.96 -20.86
C THR A 94 7.59 -16.79 -22.34
N ARG A 95 6.30 -16.80 -22.69
CA ARG A 95 5.87 -16.60 -24.06
C ARG A 95 5.90 -15.11 -24.42
N LEU A 96 5.00 -14.33 -23.81
CA LEU A 96 4.91 -12.89 -24.06
C LEU A 96 5.75 -12.10 -23.07
N ASP A 108 8.06 -1.68 -25.56
CA ASP A 108 9.22 -0.83 -25.83
C ASP A 108 10.52 -1.56 -25.62
N GLU A 109 11.00 -1.52 -24.37
CA GLU A 109 12.23 -2.18 -23.95
C GLU A 109 13.46 -1.66 -24.70
N LYS A 110 13.75 -0.37 -24.48
CA LYS A 110 14.85 0.35 -25.12
C LYS A 110 15.09 1.68 -24.38
N LYS A 111 16.12 2.41 -24.79
CA LYS A 111 16.52 3.70 -24.19
C LYS A 111 16.54 3.73 -22.66
N ASP A 112 17.49 2.99 -22.08
CA ASP A 112 17.84 3.16 -20.68
C ASP A 112 19.20 3.86 -20.51
N LEU A 113 19.83 4.21 -21.63
CA LEU A 113 21.18 4.78 -21.62
C LEU A 113 21.34 5.94 -20.63
N ALA A 114 20.31 6.79 -20.57
CA ALA A 114 20.30 7.95 -19.69
C ALA A 114 20.76 7.59 -18.27
N ILE A 115 20.41 6.38 -17.83
CA ILE A 115 20.86 5.91 -16.53
C ILE A 115 22.33 5.52 -16.58
N GLN A 116 22.73 4.83 -17.64
CA GLN A 116 24.08 4.27 -17.75
C GLN A 116 25.13 5.37 -17.78
N LYS A 117 24.90 6.36 -18.63
CA LYS A 117 25.77 7.54 -18.70
C LYS A 117 25.80 8.26 -17.36
N ARG A 118 24.67 8.25 -16.66
CA ARG A 118 24.55 8.93 -15.37
C ARG A 118 25.15 8.10 -14.24
N ILE A 119 25.20 6.78 -14.42
CA ILE A 119 25.81 5.90 -13.43
C ILE A 119 27.33 5.89 -13.54
N ARG A 120 27.84 5.68 -14.76
CA ARG A 120 29.28 5.74 -15.00
C ARG A 120 29.76 7.16 -14.75
N ALA A 121 28.84 8.12 -14.89
CA ALA A 121 29.07 9.43 -14.33
C ALA A 121 29.30 9.23 -12.84
N LEU A 122 28.25 8.87 -12.12
CA LEU A 122 28.29 8.85 -10.65
C LEU A 122 29.34 7.91 -10.03
N ARG A 123 30.17 7.34 -10.89
CA ARG A 123 31.39 6.61 -10.51
C ARG A 123 32.25 7.38 -9.51
N TRP A 124 32.18 8.70 -9.53
CA TRP A 124 32.93 9.55 -8.58
C TRP A 124 32.41 9.47 -7.17
N VAL A 125 31.27 8.80 -6.97
CA VAL A 125 30.60 8.78 -5.67
C VAL A 125 31.11 7.67 -4.74
N THR A 126 31.50 8.09 -3.54
CA THR A 126 32.07 7.22 -2.52
C THR A 126 31.04 7.01 -1.42
N PRO A 127 31.21 5.99 -0.59
CA PRO A 127 30.20 5.76 0.45
C PRO A 127 30.38 6.80 1.53
N GLN A 128 30.46 8.05 1.10
CA GLN A 128 30.38 9.20 1.96
C GLN A 128 29.29 10.09 1.40
N MET A 129 28.34 10.51 2.23
CA MET A 129 27.24 11.34 1.75
C MET A 129 26.11 10.44 1.25
N LEU A 130 26.41 9.15 1.19
CA LEU A 130 25.39 8.11 1.16
C LEU A 130 25.31 7.60 2.59
N CYS A 131 26.35 8.02 3.32
CA CYS A 131 26.50 7.76 4.71
C CYS A 131 26.26 6.31 4.99
N VAL A 132 26.63 5.47 4.04
CA VAL A 132 26.27 4.05 4.08
C VAL A 132 27.18 3.29 5.05
N PRO A 133 26.58 2.36 5.83
CA PRO A 133 27.29 1.50 6.76
C PRO A 133 27.84 0.26 6.04
N VAL A 134 28.68 0.49 5.05
CA VAL A 134 29.35 -0.62 4.37
C VAL A 134 30.85 -0.34 4.30
N ASN A 135 31.62 -1.18 4.98
CA ASN A 135 33.08 -1.13 4.92
C ASN A 135 33.63 -2.33 4.17
N GLU A 136 34.03 -2.09 2.91
CA GLU A 136 34.36 -3.17 1.99
C GLU A 136 35.74 -3.78 2.22
N ASP A 137 36.44 -3.28 3.23
CA ASP A 137 37.75 -3.79 3.59
C ASP A 137 37.65 -5.21 4.14
N ILE A 138 36.72 -5.43 5.06
CA ILE A 138 36.46 -6.77 5.59
C ILE A 138 35.97 -7.67 4.44
N PRO A 139 36.64 -8.83 4.27
CA PRO A 139 36.38 -9.74 3.15
C PRO A 139 34.92 -10.15 3.05
N GLU A 140 34.33 -10.54 4.18
CA GLU A 140 32.97 -11.07 4.23
C GLU A 140 31.90 -10.12 3.68
N VAL A 141 32.06 -8.82 3.90
CA VAL A 141 31.12 -7.84 3.34
C VAL A 141 31.41 -7.54 1.87
N SER A 142 32.69 -7.58 1.49
CA SER A 142 33.05 -7.37 0.10
C SER A 142 32.50 -8.51 -0.74
N ASP A 143 32.35 -9.68 -0.13
CA ASP A 143 31.81 -10.85 -0.80
C ASP A 143 30.29 -10.78 -0.83
N MET A 144 29.71 -10.06 0.11
CA MET A 144 28.27 -9.85 0.13
C MET A 144 27.86 -8.81 -0.91
N VAL A 145 28.67 -7.76 -1.02
CA VAL A 145 28.45 -6.70 -1.97
C VAL A 145 28.54 -7.23 -3.40
N VAL A 146 29.58 -8.02 -3.66
CA VAL A 146 29.86 -8.59 -4.98
C VAL A 146 28.66 -9.37 -5.51
N LYS A 147 28.09 -10.20 -4.66
CA LYS A 147 26.97 -11.05 -5.07
C LYS A 147 25.60 -10.41 -4.81
N ALA A 148 25.60 -9.23 -4.22
CA ALA A 148 24.40 -8.40 -4.22
C ALA A 148 24.30 -7.86 -5.64
N ILE A 149 25.45 -7.45 -6.17
CA ILE A 149 25.57 -6.94 -7.52
C ILE A 149 25.31 -8.05 -8.53
N THR A 150 25.97 -9.18 -8.32
CA THR A 150 25.77 -10.36 -9.17
C THR A 150 24.29 -10.70 -9.29
N ASP A 151 23.58 -10.63 -8.17
CA ASP A 151 22.14 -10.79 -8.20
C ASP A 151 21.50 -9.76 -9.14
N ILE A 152 21.57 -8.48 -8.78
CA ILE A 152 20.92 -7.43 -9.57
C ILE A 152 21.27 -7.47 -11.06
N ILE A 153 22.44 -8.00 -11.40
CA ILE A 153 22.81 -8.23 -12.79
C ILE A 153 21.94 -9.37 -13.34
N GLU A 154 21.82 -10.43 -12.54
CA GLU A 154 21.11 -11.65 -12.94
C GLU A 154 19.64 -11.40 -13.21
N MET A 155 19.12 -10.28 -12.73
CA MET A 155 17.70 -9.94 -12.91
C MET A 155 17.25 -10.00 -14.36
N ASP A 156 17.87 -9.18 -15.22
CA ASP A 156 17.49 -9.09 -16.63
C ASP A 156 17.46 -10.44 -17.34
N SER A 157 18.29 -11.36 -16.88
CA SER A 157 18.35 -12.70 -17.45
C SER A 157 17.09 -13.47 -17.15
N LYS A 158 16.37 -13.04 -16.14
CA LYS A 158 15.27 -13.82 -15.61
C LYS A 158 13.99 -13.81 -16.42
N ARG A 159 13.12 -14.75 -16.09
CA ARG A 159 11.99 -15.18 -16.90
C ARG A 159 10.74 -14.35 -16.64
N VAL A 160 10.10 -14.59 -15.49
CA VAL A 160 8.91 -13.88 -15.06
C VAL A 160 9.33 -12.49 -14.53
N PRO A 161 8.38 -11.55 -14.41
CA PRO A 161 8.64 -10.39 -13.56
C PRO A 161 8.88 -10.80 -12.11
N ARG A 162 8.14 -11.81 -11.65
CA ARG A 162 8.26 -12.31 -10.29
C ARG A 162 9.64 -12.90 -10.03
N ASP A 163 10.22 -13.50 -11.07
CA ASP A 163 11.55 -14.07 -10.92
C ASP A 163 12.62 -12.98 -10.89
N LYS A 164 12.33 -11.86 -11.54
CA LYS A 164 13.16 -10.66 -11.41
C LYS A 164 13.00 -10.10 -10.00
N LEU A 165 11.81 -10.26 -9.43
CA LEU A 165 11.53 -9.86 -8.06
C LEU A 165 12.31 -10.71 -7.07
N ALA A 166 12.42 -12.00 -7.36
CA ALA A 166 13.18 -12.91 -6.53
C ALA A 166 14.64 -12.48 -6.47
N CYS A 167 15.16 -12.05 -7.60
CA CYS A 167 16.54 -11.61 -7.74
C CYS A 167 16.82 -10.40 -6.88
N ILE A 168 15.89 -9.46 -6.90
CA ILE A 168 16.08 -8.16 -6.30
C ILE A 168 15.78 -8.19 -4.79
N THR A 169 15.20 -9.30 -4.32
CA THR A 169 15.14 -9.57 -2.88
C THR A 169 16.53 -9.97 -2.42
N LYS A 170 17.05 -11.03 -3.04
CA LYS A 170 18.35 -11.59 -2.67
C LYS A 170 19.41 -10.50 -2.70
N CYS A 171 19.38 -9.66 -3.72
CA CYS A 171 20.18 -8.44 -3.72
C CYS A 171 19.99 -7.64 -2.41
N SER A 172 18.73 -7.39 -2.04
CA SER A 172 18.39 -6.65 -0.83
C SER A 172 18.85 -7.40 0.41
N LYS A 173 18.70 -8.72 0.39
CA LYS A 173 19.11 -9.54 1.53
C LYS A 173 20.62 -9.50 1.75
N HIS A 174 21.38 -9.65 0.66
CA HIS A 174 22.84 -9.57 0.72
C HIS A 174 23.29 -8.20 1.14
N ILE A 175 22.49 -7.18 0.81
CA ILE A 175 22.75 -5.82 1.24
C ILE A 175 22.58 -5.73 2.76
N PHE A 176 21.52 -6.35 3.26
CA PHE A 176 21.29 -6.40 4.71
C PHE A 176 22.44 -7.10 5.40
N ASN A 177 22.99 -8.13 4.77
CA ASN A 177 24.15 -8.84 5.29
C ASN A 177 25.42 -7.99 5.32
N ALA A 178 25.70 -7.32 4.21
CA ALA A 178 26.83 -6.40 4.12
C ALA A 178 26.81 -5.37 5.24
N ILE A 179 25.63 -4.80 5.46
CA ILE A 179 25.43 -3.79 6.52
C ILE A 179 25.60 -4.40 7.91
N LYS A 180 24.92 -5.52 8.15
CA LYS A 180 24.92 -6.18 9.45
C LYS A 180 26.31 -6.66 9.86
N ILE A 181 27.09 -7.11 8.89
CA ILE A 181 28.43 -7.62 9.16
C ILE A 181 29.38 -6.45 9.40
N THR A 182 29.11 -5.34 8.73
CA THR A 182 29.88 -4.11 8.91
C THR A 182 29.75 -3.60 10.35
N LYS A 183 28.53 -3.32 10.77
CA LYS A 183 28.29 -2.70 12.07
C LYS A 183 27.99 -3.69 13.20
N ASN A 184 28.01 -4.99 12.91
CA ASN A 184 27.69 -6.04 13.88
C ASN A 184 26.37 -5.81 14.59
N GLU A 185 25.33 -5.54 13.80
CA GLU A 185 24.06 -5.05 14.29
C GLU A 185 23.13 -4.98 13.09
N PRO A 186 21.86 -5.37 13.26
CA PRO A 186 20.90 -5.39 12.16
C PRO A 186 20.76 -4.02 11.49
N ALA A 187 20.59 -4.03 10.16
CA ALA A 187 20.39 -2.79 9.42
C ALA A 187 19.13 -2.07 9.88
N SER A 188 19.17 -0.74 9.82
CA SER A 188 17.98 0.06 10.05
C SER A 188 17.39 0.46 8.69
N ALA A 189 16.08 0.57 8.62
CA ALA A 189 15.40 0.85 7.36
C ALA A 189 15.96 2.07 6.61
N ASP A 190 16.42 3.06 7.36
CA ASP A 190 17.04 4.25 6.76
C ASP A 190 18.39 3.95 6.12
N ASP A 191 19.03 2.86 6.57
CA ASP A 191 20.30 2.44 6.00
C ASP A 191 20.12 1.71 4.68
N PHE A 192 19.04 0.94 4.56
CA PHE A 192 18.86 0.05 3.43
C PHE A 192 18.84 0.74 2.08
N LEU A 193 18.03 1.78 1.95
CA LEU A 193 17.84 2.42 0.64
C LEU A 193 19.13 2.93 -0.01
N PRO A 194 19.92 3.77 0.69
CA PRO A 194 21.18 4.23 0.07
C PRO A 194 22.05 3.06 -0.38
N THR A 195 22.23 2.09 0.52
CA THR A 195 23.09 0.94 0.26
C THR A 195 22.65 0.22 -1.01
N LEU A 196 21.33 0.20 -1.25
CA LEU A 196 20.80 -0.43 -2.44
C LEU A 196 21.24 0.32 -3.69
N ILE A 197 21.12 1.65 -3.67
CA ILE A 197 21.51 2.45 -4.83
C ILE A 197 22.96 2.18 -5.16
N TYR A 198 23.77 2.10 -4.11
CA TYR A 198 25.20 1.86 -4.19
C TYR A 198 25.47 0.58 -4.95
N ILE A 199 24.57 -0.38 -4.80
CA ILE A 199 24.65 -1.64 -5.51
C ILE A 199 24.16 -1.48 -6.94
N VAL A 200 23.22 -0.57 -7.17
CA VAL A 200 22.82 -0.23 -8.54
C VAL A 200 23.76 0.83 -9.15
N LEU A 201 24.42 1.60 -8.26
CA LEU A 201 25.29 2.69 -8.68
C LEU A 201 26.66 2.18 -9.13
N LYS A 202 27.05 1.03 -8.60
CA LYS A 202 28.23 0.35 -9.11
C LYS A 202 27.85 -1.06 -9.56
N GLY A 203 28.28 -1.42 -10.76
CA GLY A 203 27.71 -2.56 -11.44
C GLY A 203 26.51 -2.04 -12.20
N ASN A 204 26.30 -2.55 -13.41
CA ASN A 204 25.22 -2.06 -14.25
C ASN A 204 24.34 -3.15 -14.81
N PRO A 205 23.24 -3.44 -14.12
CA PRO A 205 22.29 -4.46 -14.55
C PRO A 205 21.90 -4.18 -16.00
N PRO A 206 21.97 -5.21 -16.85
CA PRO A 206 21.54 -5.01 -18.23
C PRO A 206 20.09 -4.59 -18.29
N ARG A 207 19.81 -3.48 -18.98
CA ARG A 207 18.44 -3.04 -19.23
C ARG A 207 17.59 -2.94 -17.95
N LEU A 208 17.92 -1.94 -17.13
CA LEU A 208 17.27 -1.75 -15.84
C LEU A 208 15.85 -1.20 -15.99
N GLN A 209 15.76 0.05 -16.46
CA GLN A 209 14.48 0.72 -16.67
C GLN A 209 13.53 -0.13 -17.52
N SER A 210 14.11 -0.84 -18.48
CA SER A 210 13.34 -1.82 -19.27
C SER A 210 12.73 -2.86 -18.34
N ASN A 211 13.55 -3.42 -17.47
CA ASN A 211 13.07 -4.40 -16.49
C ASN A 211 11.98 -3.84 -15.57
N ILE A 212 12.26 -2.73 -14.90
CA ILE A 212 11.31 -2.16 -13.93
C ILE A 212 9.97 -1.71 -14.53
N GLN A 213 9.98 -1.28 -15.80
CA GLN A 213 8.74 -0.92 -16.47
C GLN A 213 7.99 -2.19 -16.87
N TYR A 214 8.75 -3.21 -17.24
CA TYR A 214 8.16 -4.49 -17.63
C TYR A 214 7.46 -5.20 -16.47
N ILE A 215 8.07 -5.15 -15.29
CA ILE A 215 7.46 -5.77 -14.11
C ILE A 215 6.16 -5.06 -13.72
N THR A 216 6.21 -3.73 -13.68
CA THR A 216 5.02 -2.93 -13.37
C THR A 216 3.91 -3.20 -14.38
N ARG A 217 4.27 -3.33 -15.66
CA ARG A 217 3.31 -3.60 -16.72
C ARG A 217 2.47 -4.84 -16.45
N PHE A 218 3.13 -5.99 -16.33
CA PHE A 218 2.42 -7.14 -15.77
C PHE A 218 3.19 -7.95 -14.76
N CYS A 219 2.50 -8.18 -13.66
CA CYS A 219 2.86 -8.99 -12.51
C CYS A 219 1.61 -8.69 -11.72
N ASN A 220 1.20 -9.57 -10.82
CA ASN A 220 -0.07 -9.33 -10.14
C ASN A 220 0.06 -8.53 -8.85
N PRO A 221 -0.49 -7.29 -8.84
CA PRO A 221 -0.45 -6.34 -7.72
C PRO A 221 -0.90 -6.90 -6.36
N SER A 222 -1.44 -8.12 -6.37
CA SER A 222 -1.49 -8.94 -5.16
C SER A 222 -0.07 -9.01 -4.61
N ARG A 223 0.89 -8.70 -5.47
CA ARG A 223 2.25 -8.45 -5.08
C ARG A 223 2.31 -7.38 -4.00
N LEU A 224 2.04 -6.14 -4.39
CA LEU A 224 2.38 -4.95 -3.61
C LEU A 224 1.96 -4.91 -2.13
N MET A 225 0.97 -5.72 -1.77
CA MET A 225 0.61 -5.85 -0.37
C MET A 225 1.76 -6.55 0.37
N THR A 226 1.53 -6.93 1.63
CA THR A 226 2.61 -7.40 2.49
C THR A 226 3.48 -8.48 1.86
N GLY A 227 4.73 -8.53 2.30
CA GLY A 227 5.74 -9.33 1.63
C GLY A 227 6.78 -8.40 1.05
N GLU A 228 7.89 -8.99 0.64
CA GLU A 228 9.13 -8.27 0.38
C GLU A 228 9.26 -7.75 -1.04
N ASP A 229 9.35 -8.68 -1.99
CA ASP A 229 9.84 -8.43 -3.36
C ASP A 229 9.38 -7.11 -4.00
N GLY A 230 8.21 -6.64 -3.56
CA GLY A 230 7.64 -5.37 -3.99
C GLY A 230 8.04 -4.18 -3.12
N TYR A 231 8.32 -4.46 -1.85
CA TYR A 231 8.92 -3.47 -0.95
C TYR A 231 10.39 -3.22 -1.32
N TYR A 232 11.07 -4.27 -1.76
CA TYR A 232 12.41 -4.15 -2.29
C TYR A 232 12.37 -3.52 -3.66
N PHE A 233 11.31 -3.81 -4.40
CA PHE A 233 11.04 -3.20 -5.69
C PHE A 233 10.93 -1.69 -5.53
N THR A 234 9.92 -1.26 -4.77
CA THR A 234 9.67 0.17 -4.59
C THR A 234 10.90 0.90 -4.04
N ASN A 235 11.73 0.17 -3.30
CA ASN A 235 13.02 0.67 -2.88
C ASN A 235 13.99 0.85 -4.04
N LEU A 236 13.94 -0.04 -5.03
CA LEU A 236 14.76 0.10 -6.23
C LEU A 236 14.33 1.34 -7.02
N CYS A 237 13.02 1.50 -7.17
CA CYS A 237 12.46 2.66 -7.85
C CYS A 237 12.92 3.94 -7.20
N CYS A 238 12.74 4.02 -5.88
CA CYS A 238 13.20 5.17 -5.11
C CYS A 238 14.71 5.37 -5.32
N ALA A 239 15.45 4.28 -5.41
CA ALA A 239 16.89 4.31 -5.61
C ALA A 239 17.28 5.02 -6.91
N VAL A 240 16.78 4.51 -8.04
CA VAL A 240 17.09 5.08 -9.36
C VAL A 240 16.56 6.52 -9.47
N ALA A 241 15.31 6.71 -9.09
CA ALA A 241 14.68 8.02 -9.11
C ALA A 241 15.51 9.04 -8.33
N PHE A 242 16.07 8.63 -7.21
CA PHE A 242 16.90 9.52 -6.38
C PHE A 242 18.19 9.90 -7.09
N ILE A 243 18.78 8.93 -7.79
CA ILE A 243 20.12 9.04 -8.35
C ILE A 243 20.34 10.27 -9.24
N GLU A 244 19.30 10.72 -9.93
CA GLU A 244 19.39 11.91 -10.77
C GLU A 244 19.13 13.17 -9.95
N LYS A 245 20.19 13.94 -9.71
CA LYS A 245 20.13 15.09 -8.82
C LYS A 245 19.39 16.28 -9.44
N ASN A 268 14.77 14.26 -1.15
CA ASN A 268 15.70 13.70 -0.18
C ASN A 268 15.59 12.19 -0.06
N LEU A 269 16.71 11.58 0.33
CA LEU A 269 16.81 10.16 0.60
C LEU A 269 15.92 9.76 1.77
N ASP A 270 16.13 10.43 2.90
CA ASP A 270 15.46 10.12 4.16
C ASP A 270 13.96 9.97 4.01
N LEU A 271 13.36 10.89 3.26
CA LEU A 271 11.94 10.85 2.93
C LEU A 271 11.56 9.56 2.22
N LEU A 272 12.37 9.16 1.25
CA LEU A 272 12.09 7.96 0.49
C LEU A 272 12.12 6.70 1.37
N SER A 273 13.07 6.66 2.32
CA SER A 273 13.15 5.58 3.28
C SER A 273 11.96 5.62 4.23
N GLN A 274 11.75 6.79 4.83
CA GLN A 274 10.67 6.97 5.82
C GLN A 274 9.30 6.68 5.24
N LEU A 275 9.08 7.08 3.99
CA LEU A 275 7.82 6.84 3.31
C LEU A 275 7.61 5.35 3.01
N ASN A 276 8.68 4.64 2.67
CA ASN A 276 8.58 3.20 2.43
C ASN A 276 8.28 2.45 3.73
N GLU A 277 8.94 2.85 4.82
CA GLU A 277 8.68 2.29 6.14
C GLU A 277 7.22 2.50 6.48
N ARG A 278 6.79 3.74 6.27
CA ARG A 278 5.42 4.18 6.51
C ARG A 278 4.41 3.21 5.92
N GLN A 279 4.44 3.07 4.59
CA GLN A 279 3.48 2.25 3.85
C GLN A 279 3.57 0.77 4.23
N GLU A 280 4.79 0.29 4.43
CA GLU A 280 5.01 -1.12 4.77
C GLU A 280 4.42 -1.47 6.13
N ARG A 281 4.53 -0.57 7.07
CA ARG A 281 3.97 -0.80 8.38
C ARG A 281 2.45 -0.91 8.35
N ILE A 282 1.81 0.13 7.82
CA ILE A 282 0.37 0.18 7.87
C ILE A 282 -0.20 -1.02 7.13
N MET A 283 0.59 -1.58 6.22
CA MET A 283 0.20 -2.80 5.54
C MET A 283 0.43 -4.03 6.42
N ASN A 284 1.41 -3.95 7.31
CA ASN A 284 1.59 -5.00 8.31
C ASN A 284 0.42 -4.98 9.25
N GLU A 285 0.16 -3.80 9.82
CA GLU A 285 -0.92 -3.60 10.77
C GLU A 285 -2.28 -3.95 10.18
N ALA A 286 -2.45 -3.67 8.88
CA ALA A 286 -3.70 -3.95 8.19
C ALA A 286 -3.95 -5.45 8.06
N LYS A 287 -2.91 -6.20 7.72
CA LYS A 287 -3.03 -7.65 7.56
C LYS A 287 -3.10 -8.34 8.91
N LYS A 288 -2.88 -7.57 9.98
CA LYS A 288 -3.08 -8.05 11.34
C LYS A 288 -4.55 -7.90 11.71
N LEU A 289 -5.04 -6.66 11.64
CA LEU A 289 -6.42 -6.35 11.96
C LEU A 289 -7.36 -7.18 11.10
N GLU A 290 -6.98 -7.41 9.84
CA GLU A 290 -7.75 -8.26 8.94
C GLU A 290 -7.95 -9.65 9.52
N LYS A 291 -6.95 -10.09 10.28
CA LYS A 291 -7.02 -11.38 10.97
C LYS A 291 -7.80 -11.30 12.26
N ASP A 292 -7.37 -10.42 13.17
CA ASP A 292 -7.98 -10.28 14.50
C ASP A 292 -9.50 -10.17 14.45
N LEU A 293 -10.00 -9.63 13.32
CA LEU A 293 -11.42 -9.65 13.01
C LEU A 293 -11.95 -11.07 12.97
N ILE A 294 -11.29 -11.92 12.18
CA ILE A 294 -11.66 -13.34 12.08
C ILE A 294 -11.48 -14.07 13.41
N ASP A 295 -10.38 -13.79 14.09
CA ASP A 295 -10.08 -14.40 15.38
C ASP A 295 -11.16 -14.10 16.40
N TRP A 296 -11.58 -12.84 16.45
CA TRP A 296 -12.63 -12.40 17.35
C TRP A 296 -13.98 -12.95 16.97
N THR A 297 -14.26 -12.96 15.66
CA THR A 297 -15.54 -13.42 15.12
C THR A 297 -15.76 -14.87 15.49
N ASP A 298 -14.79 -15.69 15.14
CA ASP A 298 -14.81 -17.09 15.52
C ASP A 298 -14.85 -17.19 17.04
N GLY A 299 -13.79 -16.75 17.72
CA GLY A 299 -13.68 -16.88 19.18
C GLY A 299 -14.97 -16.67 19.96
N ILE A 300 -15.79 -15.72 19.50
CA ILE A 300 -17.09 -15.43 20.08
C ILE A 300 -18.20 -16.35 19.58
N ALA A 301 -18.18 -16.64 18.27
CA ALA A 301 -19.09 -17.60 17.66
C ALA A 301 -18.64 -18.99 18.08
N ARG A 302 -17.37 -19.29 17.86
CA ARG A 302 -16.80 -20.56 18.30
C ARG A 302 -17.29 -20.91 19.71
N GLU A 303 -17.34 -19.90 20.57
CA GLU A 303 -17.79 -20.07 21.96
C GLU A 303 -19.25 -19.78 22.34
N VAL A 304 -20.05 -19.14 21.50
CA VAL A 304 -21.44 -18.85 21.91
C VAL A 304 -22.25 -20.15 21.93
N GLN A 305 -21.74 -21.11 21.19
CA GLN A 305 -22.40 -22.37 20.91
C GLN A 305 -21.89 -23.52 21.78
N ASP A 306 -20.92 -23.27 22.65
CA ASP A 306 -20.52 -24.27 23.65
C ASP A 306 -21.73 -24.58 24.53
N ILE A 307 -22.36 -23.52 25.06
CA ILE A 307 -23.58 -23.63 25.86
C ILE A 307 -24.80 -23.15 25.07
N THR B 3 -40.07 22.58 25.90
CA THR B 3 -39.44 21.85 27.04
C THR B 3 -37.92 22.07 27.05
N ARG B 4 -37.44 22.90 27.99
CA ARG B 4 -36.05 23.38 27.99
C ARG B 4 -35.00 22.28 28.01
N ASP B 5 -35.45 21.04 28.27
CA ASP B 5 -34.63 19.86 28.07
C ASP B 5 -34.09 19.89 26.64
N GLN B 6 -35.01 19.93 25.67
CA GLN B 6 -34.67 20.11 24.27
C GLN B 6 -33.82 21.35 24.02
N VAL B 7 -34.34 22.52 24.41
CA VAL B 7 -33.68 23.82 24.21
C VAL B 7 -32.21 23.78 24.60
N LYS B 8 -31.93 23.25 25.78
CA LYS B 8 -30.56 23.21 26.29
C LYS B 8 -29.69 22.18 25.58
N LYS B 9 -30.32 21.14 25.05
CA LYS B 9 -29.59 20.12 24.29
C LYS B 9 -29.34 20.60 22.86
N LEU B 10 -30.33 21.28 22.28
CA LEU B 10 -30.21 21.86 20.95
C LEU B 10 -29.07 22.86 20.87
N GLN B 11 -28.90 23.66 21.92
CA GLN B 11 -27.80 24.62 21.99
C GLN B 11 -26.46 23.92 22.05
N LEU B 12 -26.40 22.86 22.85
CA LEU B 12 -25.19 22.06 22.99
C LEU B 12 -24.81 21.42 21.66
N MET B 13 -25.81 20.84 20.97
CA MET B 13 -25.58 20.21 19.67
C MET B 13 -25.17 21.23 18.61
N LEU B 14 -25.79 22.42 18.67
CA LEU B 14 -25.44 23.50 17.77
C LEU B 14 -24.00 23.95 17.98
N ARG B 15 -23.63 24.17 19.24
CA ARG B 15 -22.26 24.58 19.57
C ARG B 15 -21.25 23.55 19.08
N GLN B 16 -21.53 22.28 19.36
CA GLN B 16 -20.64 21.19 18.98
C GLN B 16 -20.48 21.10 17.47
N ALA B 17 -21.59 21.26 16.75
CA ALA B 17 -21.55 21.27 15.29
C ALA B 17 -20.69 22.40 14.76
N ASN B 18 -20.68 23.54 15.47
CA ASN B 18 -19.95 24.72 15.05
C ASN B 18 -18.43 24.61 15.16
N ASP B 19 -17.94 24.26 16.34
CA ASP B 19 -16.49 24.15 16.53
C ASP B 19 -15.91 22.99 15.74
N GLN B 20 -16.71 21.92 15.60
CA GLN B 20 -16.32 20.78 14.78
C GLN B 20 -16.24 21.18 13.31
N LEU B 21 -17.17 22.02 12.88
CA LEU B 21 -17.20 22.53 11.52
C LEU B 21 -15.97 23.40 11.24
N GLU B 22 -15.66 24.30 12.16
CA GLU B 22 -14.46 25.11 12.03
C GLU B 22 -13.20 24.25 11.91
N LYS B 23 -13.20 23.14 12.65
CA LYS B 23 -12.11 22.17 12.56
C LYS B 23 -12.06 21.54 11.17
N THR B 24 -13.23 21.25 10.60
CA THR B 24 -13.30 20.69 9.25
C THR B 24 -12.81 21.72 8.24
N MET B 25 -12.93 22.99 8.62
CA MET B 25 -12.55 24.10 7.75
C MET B 25 -11.05 24.36 7.74
N LYS B 26 -10.40 24.28 8.90
CA LYS B 26 -8.95 24.43 8.93
C LYS B 26 -8.30 23.32 8.09
N ASP B 27 -8.92 22.14 8.11
CA ASP B 27 -8.48 21.02 7.29
C ASP B 27 -8.65 21.34 5.80
N LYS B 28 -9.84 21.80 5.45
CA LYS B 28 -10.15 22.18 4.07
C LYS B 28 -9.18 23.26 3.58
N GLN B 29 -8.95 24.25 4.43
CA GLN B 29 -8.06 25.37 4.11
C GLN B 29 -6.66 24.94 3.74
N GLU B 30 -6.07 24.08 4.55
CA GLU B 30 -4.69 23.63 4.35
C GLU B 30 -4.58 22.68 3.16
N LEU B 31 -5.68 21.99 2.87
CA LEU B 31 -5.75 21.19 1.66
C LEU B 31 -5.71 22.10 0.44
N GLU B 32 -6.36 23.26 0.55
CA GLU B 32 -6.32 24.28 -0.49
C GLU B 32 -4.94 24.91 -0.58
N ASP B 33 -4.40 25.32 0.56
CA ASP B 33 -3.07 25.91 0.64
C ASP B 33 -1.99 24.97 0.11
N PHE B 34 -2.20 23.67 0.31
CA PHE B 34 -1.30 22.65 -0.21
C PHE B 34 -1.43 22.52 -1.73
N ILE B 35 -2.67 22.43 -2.21
CA ILE B 35 -2.95 22.27 -3.64
C ILE B 35 -2.46 23.47 -4.45
N LYS B 36 -2.57 24.67 -3.89
CA LYS B 36 -2.05 25.83 -4.55
C LYS B 36 -0.58 25.96 -4.20
N GLN B 37 0.23 25.36 -5.06
CA GLN B 37 1.69 25.45 -5.08
C GLN B 37 2.10 24.35 -6.03
N SER B 38 3.31 24.46 -6.57
CA SER B 38 3.97 23.34 -7.25
C SER B 38 3.03 22.47 -8.06
N SER B 39 2.42 23.04 -9.11
CA SER B 39 1.40 22.36 -9.88
C SER B 39 1.84 20.97 -10.34
N GLU B 40 3.11 20.85 -10.70
CA GLU B 40 3.67 19.59 -11.12
C GLU B 40 5.15 19.47 -10.77
N ASP B 41 5.58 18.25 -10.53
CA ASP B 41 7.01 17.87 -10.58
C ASP B 41 7.96 18.61 -9.66
N SER B 42 7.48 19.22 -8.59
CA SER B 42 8.38 19.93 -7.68
C SER B 42 8.89 19.03 -6.58
N SER B 43 8.57 17.74 -6.67
CA SER B 43 8.71 16.77 -5.58
C SER B 43 7.79 17.10 -4.41
N HIS B 44 6.67 17.75 -4.73
CA HIS B 44 5.61 18.02 -3.77
C HIS B 44 4.57 16.92 -3.81
N GLN B 45 4.63 16.08 -4.84
CA GLN B 45 3.75 14.93 -4.98
C GLN B 45 4.33 13.66 -4.37
N ILE B 46 5.52 13.79 -3.79
CA ILE B 46 6.03 12.78 -2.87
C ILE B 46 5.42 13.09 -1.52
N SER B 47 5.42 14.37 -1.15
CA SER B 47 4.79 14.82 0.07
C SER B 47 3.27 14.66 0.03
N ALA B 48 2.73 14.56 -1.19
CA ALA B 48 1.32 14.23 -1.39
C ALA B 48 1.09 12.75 -1.07
N LEU B 49 2.12 11.95 -1.30
CA LEU B 49 2.07 10.51 -1.03
C LEU B 49 2.19 10.20 0.46
N VAL B 50 2.82 11.11 1.20
CA VAL B 50 2.93 10.97 2.64
C VAL B 50 1.65 11.46 3.29
N LEU B 51 0.91 12.32 2.58
CA LEU B 51 -0.40 12.77 3.04
C LEU B 51 -1.39 11.63 2.93
N ARG B 52 -1.32 10.92 1.80
CA ARG B 52 -2.13 9.72 1.63
C ARG B 52 -1.75 8.68 2.67
N ALA B 53 -0.47 8.68 3.07
CA ALA B 53 0.03 7.84 4.15
C ALA B 53 -0.66 8.14 5.47
N GLN B 54 -0.49 9.37 5.96
CA GLN B 54 -1.08 9.79 7.23
C GLN B 54 -2.62 9.66 7.29
N ALA B 55 -3.26 9.89 6.14
CA ALA B 55 -4.70 9.70 6.05
C ALA B 55 -5.07 8.23 6.24
N SER B 56 -4.23 7.34 5.71
CA SER B 56 -4.45 5.91 5.86
C SER B 56 -4.04 5.46 7.25
N GLU B 57 -3.22 6.27 7.91
CA GLU B 57 -2.76 5.96 9.26
C GLU B 57 -3.71 6.43 10.34
N ILE B 58 -4.55 7.41 10.04
CA ILE B 58 -5.58 7.81 10.99
C ILE B 58 -6.74 6.83 10.87
N LEU B 59 -6.95 6.31 9.66
CA LEU B 59 -8.05 5.37 9.39
C LEU B 59 -7.74 4.00 9.96
N LEU B 60 -6.49 3.58 9.77
CA LEU B 60 -6.03 2.29 10.29
C LEU B 60 -6.27 2.21 11.80
N GLU B 61 -5.96 3.30 12.49
CA GLU B 61 -6.06 3.35 13.94
C GLU B 61 -7.51 3.46 14.41
N GLU B 62 -8.32 4.21 13.66
CA GLU B 62 -9.76 4.30 13.94
C GLU B 62 -10.36 2.90 13.91
N LEU B 63 -9.98 2.12 12.91
CA LEU B 63 -10.41 0.73 12.78
C LEU B 63 -9.91 -0.15 13.93
N GLN B 64 -8.69 0.12 14.39
CA GLN B 64 -8.10 -0.65 15.47
C GLN B 64 -8.84 -0.43 16.79
N GLN B 65 -8.96 0.83 17.19
CA GLN B 65 -9.66 1.18 18.42
C GLN B 65 -11.15 0.85 18.31
N GLY B 66 -11.66 0.84 17.08
CA GLY B 66 -13.02 0.42 16.81
C GLY B 66 -13.25 -1.05 17.14
N LEU B 67 -12.24 -1.87 16.83
CA LEU B 67 -12.30 -3.30 17.14
C LEU B 67 -12.22 -3.57 18.65
N SER B 68 -11.32 -2.89 19.34
CA SER B 68 -11.11 -3.08 20.78
C SER B 68 -12.37 -2.76 21.59
N GLN B 69 -13.07 -1.69 21.20
CA GLN B 69 -14.33 -1.32 21.85
C GLN B 69 -15.41 -2.32 21.51
N ALA B 70 -15.45 -2.75 20.25
CA ALA B 70 -16.42 -3.76 19.81
C ALA B 70 -16.28 -5.03 20.66
N LYS B 71 -15.05 -5.35 21.03
CA LYS B 71 -14.76 -6.48 21.90
C LYS B 71 -15.39 -6.33 23.28
N ARG B 72 -15.24 -5.14 23.88
CA ARG B 72 -15.79 -4.86 25.20
C ARG B 72 -17.31 -4.85 25.22
N ASP B 73 -17.91 -4.13 24.27
CA ASP B 73 -19.36 -4.07 24.13
C ASP B 73 -19.94 -5.47 24.12
N VAL B 74 -19.32 -6.34 23.32
CA VAL B 74 -19.72 -7.73 23.21
C VAL B 74 -19.34 -8.52 24.47
N GLN B 75 -18.24 -8.14 25.10
CA GLN B 75 -17.79 -8.80 26.33
C GLN B 75 -18.79 -8.66 27.46
N GLU B 76 -19.18 -7.42 27.75
CA GLU B 76 -20.10 -7.14 28.84
C GLU B 76 -21.56 -7.43 28.48
N GLN B 77 -21.88 -7.38 27.18
CA GLN B 77 -23.19 -7.80 26.70
C GLN B 77 -23.36 -9.30 26.91
N MET B 78 -22.29 -10.03 26.62
CA MET B 78 -22.26 -11.48 26.84
C MET B 78 -22.45 -11.81 28.32
N ALA B 79 -21.82 -11.00 29.18
CA ALA B 79 -21.97 -11.13 30.62
C ALA B 79 -23.44 -11.03 31.03
N VAL B 80 -24.13 -10.07 30.43
CA VAL B 80 -25.56 -9.88 30.68
C VAL B 80 -26.33 -11.12 30.26
N LEU B 81 -26.25 -11.47 28.98
CA LEU B 81 -26.98 -12.61 28.44
C LEU B 81 -26.60 -13.93 29.11
N MET B 82 -25.45 -13.96 29.80
CA MET B 82 -25.07 -15.12 30.58
C MET B 82 -25.96 -15.18 31.80
N GLN B 83 -25.68 -14.28 32.74
CA GLN B 83 -26.39 -14.25 34.03
C GLN B 83 -27.89 -14.01 33.87
N SER B 84 -28.29 -13.51 32.71
CA SER B 84 -29.69 -13.31 32.39
C SER B 84 -30.10 -14.22 31.24
N THR C 3 -41.33 28.92 24.47
CA THR C 3 -40.51 27.68 24.41
C THR C 3 -40.45 27.13 23.00
N ARG C 4 -41.61 26.85 22.44
CA ARG C 4 -41.74 26.33 21.09
C ARG C 4 -40.87 27.14 20.14
N ASP C 5 -40.94 28.47 20.27
CA ASP C 5 -40.18 29.39 19.43
C ASP C 5 -38.72 29.00 19.32
N GLN C 6 -38.01 29.06 20.45
CA GLN C 6 -36.58 28.75 20.44
C GLN C 6 -36.31 27.28 20.13
N VAL C 7 -37.36 26.47 20.16
CA VAL C 7 -37.25 25.10 19.68
C VAL C 7 -37.53 25.05 18.17
N LYS C 8 -38.22 26.05 17.64
CA LYS C 8 -38.45 26.14 16.19
C LYS C 8 -37.23 26.74 15.48
N LYS C 9 -36.61 27.74 16.10
CA LYS C 9 -35.47 28.43 15.49
C LYS C 9 -34.16 27.70 15.67
N LEU C 10 -33.99 27.00 16.80
CA LEU C 10 -32.77 26.24 17.03
C LEU C 10 -32.68 25.03 16.12
N GLN C 11 -33.83 24.46 15.78
CA GLN C 11 -33.88 23.37 14.81
C GLN C 11 -33.48 23.88 13.44
N LEU C 12 -33.89 25.11 13.14
CA LEU C 12 -33.52 25.77 11.91
C LEU C 12 -32.00 25.94 11.83
N MET C 13 -31.44 26.52 12.88
CA MET C 13 -30.01 26.81 12.92
C MET C 13 -29.16 25.55 13.02
N LEU C 14 -29.66 24.55 13.74
CA LEU C 14 -28.96 23.27 13.87
C LEU C 14 -28.92 22.51 12.55
N ARG C 15 -30.05 22.47 11.87
CA ARG C 15 -30.13 21.80 10.58
C ARG C 15 -29.35 22.55 9.50
N GLN C 16 -29.24 23.86 9.67
CA GLN C 16 -28.41 24.68 8.78
C GLN C 16 -26.95 24.45 9.08
N ALA C 17 -26.63 24.16 10.33
CA ALA C 17 -25.25 23.86 10.73
C ALA C 17 -24.84 22.48 10.23
N ASN C 18 -25.78 21.52 10.31
CA ASN C 18 -25.52 20.15 9.87
C ASN C 18 -25.25 20.05 8.39
N ASP C 19 -26.09 20.70 7.58
CA ASP C 19 -25.96 20.63 6.14
C ASP C 19 -24.73 21.40 5.64
N GLN C 20 -24.33 22.42 6.39
CA GLN C 20 -23.13 23.16 6.07
C GLN C 20 -21.90 22.35 6.39
N LEU C 21 -21.90 21.75 7.58
CA LEU C 21 -20.80 20.90 8.02
C LEU C 21 -20.58 19.74 7.06
N GLU C 22 -21.67 19.05 6.73
CA GLU C 22 -21.61 17.91 5.85
C GLU C 22 -21.18 18.28 4.42
N LYS C 23 -21.50 19.51 4.01
CA LYS C 23 -21.06 20.00 2.71
C LYS C 23 -19.56 20.28 2.73
N THR C 24 -19.09 20.91 3.81
CA THR C 24 -17.67 21.18 4.00
C THR C 24 -16.82 19.89 3.97
N MET C 25 -17.32 18.84 4.60
CA MET C 25 -16.65 17.55 4.59
C MET C 25 -16.47 17.04 3.17
N LYS C 26 -17.53 17.14 2.37
CA LYS C 26 -17.49 16.76 0.98
C LYS C 26 -16.46 17.57 0.19
N ASP C 27 -16.37 18.87 0.49
CA ASP C 27 -15.37 19.73 -0.14
C ASP C 27 -13.97 19.22 0.19
N LYS C 28 -13.78 18.84 1.45
CA LYS C 28 -12.50 18.29 1.90
C LYS C 28 -12.19 16.98 1.18
N GLN C 29 -13.20 16.11 1.09
CA GLN C 29 -13.05 14.82 0.44
C GLN C 29 -12.79 14.95 -1.05
N GLU C 30 -13.18 16.08 -1.63
CA GLU C 30 -12.91 16.33 -3.02
C GLU C 30 -11.49 16.84 -3.24
N LEU C 31 -11.01 17.69 -2.33
CA LEU C 31 -9.64 18.17 -2.39
C LEU C 31 -8.67 17.01 -2.18
N GLU C 32 -9.06 16.08 -1.31
CA GLU C 32 -8.29 14.86 -1.09
C GLU C 32 -8.23 14.00 -2.34
N ASP C 33 -9.39 13.76 -2.95
CA ASP C 33 -9.48 12.99 -4.18
C ASP C 33 -8.70 13.64 -5.33
N PHE C 34 -8.61 14.96 -5.29
CA PHE C 34 -7.87 15.71 -6.30
C PHE C 34 -6.38 15.42 -6.18
N ILE C 35 -5.93 15.29 -4.95
CA ILE C 35 -4.54 14.98 -4.64
C ILE C 35 -4.26 13.50 -4.95
N LYS C 36 -5.27 12.66 -4.76
CA LYS C 36 -5.19 11.27 -5.21
C LYS C 36 -5.08 11.21 -6.73
N GLN C 37 -5.65 12.22 -7.40
CA GLN C 37 -5.55 12.31 -8.86
C GLN C 37 -4.30 13.06 -9.33
N SER C 38 -3.68 13.81 -8.43
CA SER C 38 -2.37 14.40 -8.71
C SER C 38 -1.27 13.34 -8.64
N SER C 39 -1.63 12.21 -8.03
CA SER C 39 -0.70 11.09 -7.84
C SER C 39 -0.19 10.56 -9.17
N GLU C 40 -1.08 9.91 -9.91
CA GLU C 40 -0.69 9.30 -11.19
C GLU C 40 -0.68 10.34 -12.32
N ASP C 41 0.48 10.49 -12.94
CA ASP C 41 0.65 11.44 -14.04
C ASP C 41 1.71 10.95 -15.01
N SER C 42 2.09 11.81 -15.95
CA SER C 42 3.14 11.48 -16.91
C SER C 42 4.52 11.53 -16.26
N SER C 43 4.72 12.44 -15.33
CA SER C 43 6.06 12.79 -14.87
C SER C 43 6.23 12.92 -13.35
N HIS C 44 7.50 12.89 -12.93
CA HIS C 44 7.88 12.73 -11.52
C HIS C 44 6.96 11.76 -10.84
N GLN C 45 7.09 10.49 -11.19
CA GLN C 45 6.09 9.54 -10.79
C GLN C 45 6.52 8.72 -9.59
N ILE C 46 7.43 7.77 -9.82
CA ILE C 46 7.57 6.61 -8.95
C ILE C 46 6.18 6.01 -8.80
N SER C 47 5.71 5.38 -9.87
CA SER C 47 4.47 4.63 -9.85
C SER C 47 4.48 3.67 -8.68
N ALA C 48 5.67 3.16 -8.36
CA ALA C 48 5.87 2.25 -7.24
C ALA C 48 5.29 2.78 -5.94
N LEU C 49 5.74 3.97 -5.54
CA LEU C 49 5.26 4.58 -4.30
C LEU C 49 3.77 4.90 -4.34
N VAL C 50 3.33 5.51 -5.44
CA VAL C 50 1.92 5.87 -5.65
C VAL C 50 1.04 4.64 -5.54
N LEU C 51 1.39 3.60 -6.29
CA LEU C 51 0.56 2.42 -6.36
C LEU C 51 0.74 1.51 -5.14
N ARG C 52 1.72 1.85 -4.29
CA ARG C 52 1.78 1.31 -2.92
C ARG C 52 0.70 1.94 -2.07
N ALA C 53 0.77 3.26 -1.96
CA ALA C 53 -0.19 4.06 -1.20
C ALA C 53 -1.63 3.71 -1.57
N GLN C 54 -1.83 3.30 -2.81
CA GLN C 54 -3.12 2.77 -3.26
C GLN C 54 -3.48 1.48 -2.55
N ALA C 55 -2.63 0.47 -2.70
CA ALA C 55 -2.86 -0.85 -2.11
C ALA C 55 -3.13 -0.76 -0.61
N SER C 56 -2.46 0.18 0.06
CA SER C 56 -2.69 0.46 1.46
C SER C 56 -4.14 0.83 1.70
N GLU C 57 -4.56 1.96 1.11
CA GLU C 57 -5.88 2.54 1.38
C GLU C 57 -7.02 1.72 0.78
N ILE C 58 -6.67 0.79 -0.11
CA ILE C 58 -7.63 -0.18 -0.65
C ILE C 58 -7.83 -1.31 0.35
N LEU C 59 -6.76 -1.66 1.06
CA LEU C 59 -6.78 -2.72 2.05
C LEU C 59 -7.55 -2.30 3.31
N LEU C 60 -7.57 -0.99 3.58
CA LEU C 60 -8.25 -0.44 4.74
C LEU C 60 -9.75 -0.28 4.53
N GLU C 61 -10.15 0.02 3.30
CA GLU C 61 -11.55 0.25 2.98
C GLU C 61 -12.31 -1.06 2.76
N GLU C 62 -11.59 -2.17 2.85
CA GLU C 62 -12.24 -3.45 2.98
C GLU C 62 -12.43 -3.77 4.47
N LEU C 63 -11.48 -3.31 5.28
CA LEU C 63 -11.49 -3.58 6.72
C LEU C 63 -12.66 -2.92 7.43
N GLN C 64 -13.28 -1.96 6.74
CA GLN C 64 -14.48 -1.31 7.22
C GLN C 64 -15.68 -2.20 7.01
N GLN C 65 -15.69 -2.93 5.90
CA GLN C 65 -16.72 -3.94 5.67
C GLN C 65 -16.45 -5.11 6.60
N GLY C 66 -15.18 -5.37 6.84
CA GLY C 66 -14.75 -6.42 7.74
C GLY C 66 -15.21 -6.15 9.15
N LEU C 67 -14.94 -4.94 9.64
CA LEU C 67 -15.27 -4.60 11.01
C LEU C 67 -16.77 -4.53 11.21
N SER C 68 -17.47 -3.91 10.26
CA SER C 68 -18.91 -3.80 10.32
C SER C 68 -19.51 -5.19 10.38
N GLN C 69 -19.10 -6.05 9.44
CA GLN C 69 -19.61 -7.41 9.37
C GLN C 69 -19.11 -8.25 10.54
N ALA C 70 -17.99 -7.88 11.13
CA ALA C 70 -17.56 -8.55 12.35
C ALA C 70 -18.57 -8.24 13.46
N LYS C 71 -19.03 -7.00 13.48
CA LYS C 71 -20.00 -6.55 14.48
C LYS C 71 -21.38 -7.16 14.28
N ARG C 72 -21.81 -7.27 13.03
CA ARG C 72 -23.13 -7.80 12.72
C ARG C 72 -23.17 -9.32 12.84
N ASP C 73 -22.03 -9.95 12.62
CA ASP C 73 -21.92 -11.41 12.73
C ASP C 73 -21.76 -11.87 14.17
N VAL C 74 -21.18 -11.02 15.00
CA VAL C 74 -21.11 -11.33 16.42
C VAL C 74 -22.49 -11.15 17.05
N GLN C 75 -23.21 -10.13 16.58
CA GLN C 75 -24.55 -9.86 17.08
C GLN C 75 -25.57 -10.92 16.67
N GLU C 76 -25.40 -11.48 15.47
CA GLU C 76 -26.26 -12.57 15.04
C GLU C 76 -25.99 -13.83 15.88
N GLN C 77 -24.78 -13.91 16.42
CA GLN C 77 -24.44 -15.00 17.35
C GLN C 77 -25.09 -14.74 18.69
N MET C 78 -25.16 -13.47 19.08
CA MET C 78 -25.84 -13.08 20.31
C MET C 78 -27.34 -13.38 20.24
N ALA C 79 -27.89 -13.30 19.03
CA ALA C 79 -29.31 -13.57 18.79
C ALA C 79 -29.67 -15.02 19.06
N VAL C 80 -28.72 -15.92 18.83
CA VAL C 80 -28.93 -17.35 19.09
C VAL C 80 -28.68 -17.66 20.56
N LEU C 81 -27.91 -16.82 21.23
CA LEU C 81 -27.73 -16.97 22.66
C LEU C 81 -29.02 -16.51 23.35
N MET C 82 -29.76 -15.67 22.65
CA MET C 82 -31.11 -15.29 23.06
C MET C 82 -32.08 -16.43 22.79
N GLN C 83 -31.77 -17.28 21.79
CA GLN C 83 -32.58 -18.46 21.53
C GLN C 83 -32.47 -19.45 22.70
N SER C 84 -31.38 -19.35 23.46
CA SER C 84 -31.13 -20.23 24.58
C SER C 84 -32.05 -19.84 25.73
N ARG C 85 -32.97 -20.74 26.08
CA ARG C 85 -34.02 -20.44 27.04
C ARG C 85 -34.75 -21.71 27.50
P PO4 D . 24.28 -16.98 0.02
O1 PO4 D . 23.19 -17.73 0.75
O2 PO4 D . 24.99 -16.04 0.97
O3 PO4 D . 25.27 -17.97 -0.54
O4 PO4 D . 23.68 -16.18 -1.12
P PO4 E . 12.18 18.08 -10.08
O1 PO4 E . 11.69 17.48 -8.78
O2 PO4 E . 13.66 17.82 -10.24
O3 PO4 E . 11.43 17.44 -11.24
O4 PO4 E . 11.94 19.57 -10.05
P PO4 F . -29.18 -8.84 20.48
O1 PO4 F . -29.06 -10.34 20.32
O2 PO4 F . -30.61 -8.46 20.15
O3 PO4 F . -28.25 -8.16 19.51
O4 PO4 F . -28.84 -8.46 21.89
#